data_9JRR
#
_entry.id   9JRR
#
_cell.length_a   41.082
_cell.length_b   86.896
_cell.length_c   91.174
_cell.angle_alpha   90.000
_cell.angle_beta   90.000
_cell.angle_gamma   90.000
#
_symmetry.space_group_name_H-M   'P 21 21 21'
#
loop_
_entity.id
_entity.type
_entity.pdbx_description
1 polymer 'DUF386 domain-containing protein'
2 non-polymer 'ZINC ION'
3 water water
#
_entity_poly.entity_id   1
_entity_poly.type   'polypeptide(L)'
_entity_poly.pdbx_seq_one_letter_code
;MIIGNIEHLEVWLPTALRQAIEHVNAHVTTTTAPGKYDIDGDRLFYMISENMTEPGESRSAEYHARYLDIQIVLQGQEGM
AFSTRPAGTPHTDWLADKDIAFLPTSVDEKTVVLNEGDFVVFYPGEVHKPLCAVGEPARVRKAVVKMLMALEHHHHHH
;
_entity_poly.pdbx_strand_id   A,B
#
# COMPACT_ATOMS: atom_id res chain seq x y z
N MET A 1 5.57 0.54 -1.64
CA MET A 1 4.52 1.27 -2.37
C MET A 1 3.52 1.78 -1.33
N ILE A 2 2.76 2.82 -1.66
CA ILE A 2 1.75 3.41 -0.77
C ILE A 2 0.40 3.37 -1.46
N ILE A 3 -0.66 3.03 -0.73
CA ILE A 3 -2.01 3.03 -1.26
C ILE A 3 -2.89 3.95 -0.42
N GLY A 4 -3.71 4.76 -1.07
CA GLY A 4 -4.60 5.65 -0.36
C GLY A 4 -5.76 6.07 -1.24
N ASN A 5 -6.46 7.14 -0.83
CA ASN A 5 -7.55 7.69 -1.63
C ASN A 5 -7.47 9.22 -1.64
N ILE A 6 -7.63 9.81 -2.83
CA ILE A 6 -7.32 11.24 -3.04
C ILE A 6 -8.30 12.17 -2.35
N GLU A 7 -9.48 11.69 -1.99
CA GLU A 7 -10.44 12.51 -1.27
C GLU A 7 -10.15 12.57 0.22
N HIS A 8 -9.12 11.86 0.68
CA HIS A 8 -8.87 11.64 2.11
C HIS A 8 -7.37 11.58 2.37
N LEU A 9 -6.68 12.69 2.12
CA LEU A 9 -5.24 12.74 2.28
C LEU A 9 -4.87 12.92 3.74
N GLU A 10 -4.01 12.05 4.24
CA GLU A 10 -3.64 12.03 5.64
C GLU A 10 -2.20 12.50 5.83
N VAL A 11 -1.88 12.87 7.07
CA VAL A 11 -0.54 13.37 7.35
C VAL A 11 0.52 12.31 7.10
N TRP A 12 0.12 11.02 7.11
CA TRP A 12 1.12 9.99 6.87
C TRP A 12 1.60 9.94 5.42
N LEU A 13 0.92 10.62 4.52
CA LEU A 13 1.44 10.74 3.16
C LEU A 13 2.50 11.83 3.15
N PRO A 14 3.71 11.57 2.61
CA PRO A 14 4.72 12.63 2.51
C PRO A 14 4.14 13.92 1.94
N THR A 15 4.52 15.05 2.56
CA THR A 15 3.83 16.31 2.27
C THR A 15 3.94 16.69 0.79
N ALA A 16 5.08 16.41 0.15
CA ALA A 16 5.22 16.78 -1.26
C ALA A 16 4.24 16.01 -2.11
N LEU A 17 3.93 14.77 -1.72
CA LEU A 17 2.97 13.98 -2.47
C LEU A 17 1.53 14.45 -2.20
N ARG A 18 1.23 14.75 -0.93
CA ARG A 18 -0.07 15.33 -0.62
C ARG A 18 -0.34 16.57 -1.45
N GLN A 19 0.67 17.44 -1.56
CA GLN A 19 0.49 18.71 -2.29
C GLN A 19 0.31 18.46 -3.78
N ALA A 20 1.00 17.48 -4.34
CA ALA A 20 0.81 17.16 -5.75
C ALA A 20 -0.60 16.66 -6.02
N ILE A 21 -1.12 15.77 -5.16
CA ILE A 21 -2.46 15.25 -5.36
C ILE A 21 -3.50 16.36 -5.20
N GLU A 22 -3.29 17.24 -4.23
CA GLU A 22 -4.19 18.38 -4.10
C GLU A 22 -4.15 19.24 -5.34
N HIS A 23 -2.99 19.36 -5.99
CA HIS A 23 -2.94 20.12 -7.22
C HIS A 23 -3.79 19.46 -8.29
N VAL A 24 -3.64 18.14 -8.44
CA VAL A 24 -4.48 17.41 -9.38
C VAL A 24 -5.96 17.60 -9.05
N ASN A 25 -6.31 17.48 -7.77
CA ASN A 25 -7.71 17.61 -7.38
C ASN A 25 -8.26 18.98 -7.73
N ALA A 26 -7.43 20.02 -7.60
CA ALA A 26 -7.91 21.37 -7.78
C ALA A 26 -7.99 21.79 -9.23
N HIS A 27 -7.25 21.12 -10.13
CA HIS A 27 -7.12 21.58 -11.50
C HIS A 27 -7.67 20.62 -12.55
N VAL A 28 -7.83 19.34 -12.24
CA VAL A 28 -8.30 18.37 -13.22
C VAL A 28 -9.81 18.28 -13.13
N THR A 29 -10.47 18.30 -14.29
CA THR A 29 -11.90 18.09 -14.44
C THR A 29 -12.13 16.92 -15.39
N THR A 30 -13.41 16.51 -15.54
CA THR A 30 -13.66 15.45 -16.51
C THR A 30 -13.40 15.89 -17.95
N THR A 31 -13.25 17.18 -18.21
CA THR A 31 -12.97 17.65 -19.56
C THR A 31 -11.47 17.81 -19.85
N THR A 32 -10.61 17.63 -18.87
CA THR A 32 -9.18 17.81 -19.11
C THR A 32 -8.70 16.75 -20.10
N ALA A 33 -8.11 17.20 -21.20
CA ALA A 33 -7.72 16.28 -22.25
C ALA A 33 -6.48 15.47 -21.85
N PRO A 34 -6.29 14.30 -22.45
CA PRO A 34 -5.02 13.58 -22.27
C PRO A 34 -3.84 14.48 -22.57
N GLY A 35 -2.81 14.40 -21.73
CA GLY A 35 -1.60 15.15 -21.99
C GLY A 35 -0.83 15.42 -20.71
N LYS A 36 0.20 16.24 -20.86
CA LYS A 36 1.16 16.54 -19.80
C LYS A 36 0.87 17.91 -19.25
N TYR A 37 0.81 18.01 -17.92
CA TYR A 37 0.45 19.25 -17.24
C TYR A 37 1.47 19.58 -16.16
N ASP A 38 1.65 20.87 -15.94
CA ASP A 38 2.77 21.35 -15.14
C ASP A 38 2.42 21.51 -13.68
N ILE A 39 3.42 21.30 -12.83
CA ILE A 39 3.31 21.73 -11.44
C ILE A 39 4.56 22.52 -11.05
N ASP A 40 5.74 21.90 -11.23
CA ASP A 40 7.00 22.47 -10.72
C ASP A 40 8.15 21.97 -11.59
N GLY A 41 8.28 22.57 -12.77
CA GLY A 41 9.36 22.21 -13.69
C GLY A 41 9.40 20.73 -13.99
N ASP A 42 10.61 20.18 -14.01
CA ASP A 42 10.84 18.75 -14.15
C ASP A 42 10.78 18.03 -12.80
N ARG A 43 10.64 18.76 -11.71
CA ARG A 43 10.59 18.13 -10.39
C ARG A 43 9.23 17.50 -10.12
N LEU A 44 8.15 18.12 -10.60
CA LEU A 44 6.80 17.66 -10.33
C LEU A 44 5.93 18.03 -11.52
N PHE A 45 5.25 17.05 -12.10
CA PHE A 45 4.31 17.30 -13.19
C PHE A 45 3.36 16.10 -13.24
N TYR A 46 2.35 16.16 -14.10
CA TYR A 46 1.44 15.02 -14.15
C TYR A 46 0.89 14.83 -15.55
N MET A 47 0.41 13.62 -15.80
CA MET A 47 -0.12 13.22 -17.10
C MET A 47 -1.54 12.68 -16.93
N ILE A 48 -2.44 13.14 -17.78
CA ILE A 48 -3.79 12.64 -17.84
C ILE A 48 -3.86 11.64 -19.00
N SER A 49 -4.53 10.52 -18.77
CA SER A 49 -4.61 9.52 -19.83
C SER A 49 -5.93 8.76 -19.73
N GLU A 50 -6.34 8.18 -20.85
CA GLU A 50 -7.51 7.31 -20.87
C GLU A 50 -7.20 6.15 -21.80
N ASN A 51 -7.37 4.93 -21.29
CA ASN A 51 -6.96 3.74 -22.02
C ASN A 51 -7.86 2.58 -21.65
N MET A 52 -7.98 1.63 -22.58
CA MET A 52 -8.58 0.35 -22.24
C MET A 52 -7.62 -0.45 -21.36
N THR A 53 -8.17 -1.11 -20.33
CA THR A 53 -7.37 -2.09 -19.62
C THR A 53 -7.10 -3.29 -20.51
N GLU A 54 -6.16 -4.12 -20.10
CA GLU A 54 -5.89 -5.32 -20.87
C GLU A 54 -5.48 -6.43 -19.91
N PRO A 55 -5.61 -7.69 -20.33
CA PRO A 55 -5.18 -8.80 -19.46
C PRO A 55 -3.75 -8.59 -18.99
N GLY A 56 -3.55 -8.65 -17.68
CA GLY A 56 -2.25 -8.35 -17.12
C GLY A 56 -1.14 -9.19 -17.73
N GLU A 57 -1.45 -10.45 -18.07
CA GLU A 57 -0.45 -11.30 -18.69
C GLU A 57 0.00 -10.80 -20.06
N SER A 58 -0.70 -9.84 -20.66
CA SER A 58 -0.33 -9.36 -22.00
C SER A 58 0.53 -8.09 -21.99
N ARG A 59 0.85 -7.55 -20.81
CA ARG A 59 1.69 -6.36 -20.68
C ARG A 59 2.94 -6.69 -19.88
N SER A 60 4.01 -5.96 -20.17
CA SER A 60 5.22 -6.03 -19.37
C SER A 60 5.07 -5.15 -18.13
N ALA A 61 5.78 -5.50 -17.07
CA ALA A 61 5.91 -4.60 -15.93
C ALA A 61 6.99 -3.56 -16.21
N GLU A 62 7.08 -2.55 -15.35
CA GLU A 62 8.01 -1.45 -15.53
C GLU A 62 8.59 -1.02 -14.19
N TYR A 63 9.73 -0.34 -14.25
CA TYR A 63 10.19 0.45 -13.11
C TYR A 63 10.97 1.64 -13.62
N HIS A 64 11.23 2.58 -12.72
CA HIS A 64 11.92 3.83 -12.99
C HIS A 64 13.14 3.93 -12.10
N ALA A 65 14.07 4.83 -12.48
CA ALA A 65 15.25 5.06 -11.66
C ALA A 65 15.26 6.40 -10.96
N ARG A 66 14.65 7.43 -11.54
CA ARG A 66 14.72 8.77 -11.00
C ARG A 66 13.39 9.31 -10.51
N TYR A 67 12.28 8.93 -11.14
CA TYR A 67 10.98 9.48 -10.80
C TYR A 67 10.17 8.50 -9.97
N LEU A 68 9.50 9.04 -8.95
CA LEU A 68 8.37 8.41 -8.30
C LEU A 68 7.12 8.64 -9.13
N ASP A 69 6.18 7.69 -9.07
CA ASP A 69 4.88 7.76 -9.70
C ASP A 69 3.80 7.86 -8.64
N ILE A 70 2.79 8.72 -8.85
CA ILE A 70 1.53 8.60 -8.13
C ILE A 70 0.49 8.23 -9.19
N GLN A 71 -0.12 7.06 -9.08
CA GLN A 71 -1.11 6.59 -10.04
C GLN A 71 -2.49 6.81 -9.44
N ILE A 72 -3.30 7.70 -10.04
CA ILE A 72 -4.60 8.12 -9.49
C ILE A 72 -5.70 7.68 -10.46
N VAL A 73 -6.66 6.89 -9.98
CA VAL A 73 -7.81 6.57 -10.82
C VAL A 73 -8.80 7.73 -10.76
N LEU A 74 -9.12 8.30 -11.92
CA LEU A 74 -10.13 9.35 -11.99
C LEU A 74 -11.51 8.77 -12.30
N GLN A 75 -11.59 7.88 -13.29
CA GLN A 75 -12.83 7.18 -13.59
C GLN A 75 -12.50 5.75 -14.00
N GLY A 76 -13.33 4.82 -13.57
CA GLY A 76 -13.20 3.43 -13.97
C GLY A 76 -12.66 2.56 -12.85
N GLN A 77 -12.24 1.35 -13.23
CA GLN A 77 -11.74 0.34 -12.31
C GLN A 77 -10.49 -0.27 -12.89
N GLU A 78 -9.40 -0.25 -12.14
CA GLU A 78 -8.08 -0.60 -12.66
C GLU A 78 -7.44 -1.68 -11.80
N GLY A 79 -6.93 -2.73 -12.45
CA GLY A 79 -6.05 -3.67 -11.76
C GLY A 79 -4.63 -3.15 -11.77
N MET A 80 -4.05 -2.93 -10.61
CA MET A 80 -2.68 -2.46 -10.48
C MET A 80 -1.84 -3.62 -9.96
N ALA A 81 -0.96 -4.16 -10.81
CA ALA A 81 -0.07 -5.24 -10.44
C ALA A 81 1.29 -4.69 -10.04
N PHE A 82 1.99 -5.40 -9.16
CA PHE A 82 3.26 -4.89 -8.63
C PHE A 82 4.00 -6.03 -7.95
N SER A 83 5.27 -5.79 -7.62
CA SER A 83 6.09 -6.73 -6.87
C SER A 83 6.62 -6.03 -5.64
N THR A 84 6.75 -6.78 -4.54
CA THR A 84 7.40 -6.22 -3.35
C THR A 84 8.89 -6.48 -3.33
N ARG A 85 9.45 -7.08 -4.37
CA ARG A 85 10.87 -7.39 -4.43
C ARG A 85 11.57 -6.60 -5.53
N PRO A 86 12.88 -6.43 -5.46
CA PRO A 86 13.60 -5.69 -6.51
C PRO A 86 13.34 -6.27 -7.90
N ALA A 87 13.53 -5.42 -8.90
CA ALA A 87 13.26 -5.82 -10.28
C ALA A 87 14.20 -6.92 -10.75
N GLY A 88 13.65 -7.87 -11.52
CA GLY A 88 14.46 -8.83 -12.25
C GLY A 88 15.10 -8.22 -13.48
N THR A 89 15.60 -9.06 -14.38
CA THR A 89 16.32 -8.57 -15.56
C THR A 89 15.36 -7.96 -16.57
N PRO A 90 15.52 -6.69 -16.96
CA PRO A 90 14.61 -6.12 -17.95
C PRO A 90 14.91 -6.62 -19.35
N HIS A 91 13.87 -6.73 -20.18
CA HIS A 91 14.08 -6.98 -21.59
C HIS A 91 14.31 -5.70 -22.37
N THR A 92 14.01 -4.55 -21.75
CA THR A 92 14.18 -3.23 -22.34
C THR A 92 14.69 -2.31 -21.25
N ASP A 93 15.84 -1.66 -21.46
CA ASP A 93 16.40 -0.76 -20.47
C ASP A 93 16.62 0.59 -21.15
N TRP A 94 15.68 1.51 -20.92
CA TRP A 94 15.74 2.88 -21.39
C TRP A 94 15.85 3.86 -20.22
N LEU A 95 16.56 3.45 -19.15
CA LEU A 95 16.58 4.25 -17.94
C LEU A 95 17.31 5.57 -18.16
N ALA A 96 18.41 5.54 -18.90
CA ALA A 96 19.17 6.75 -19.14
C ALA A 96 18.37 7.74 -19.99
N ASP A 97 17.75 7.26 -21.06
CA ASP A 97 17.10 8.16 -22.00
C ASP A 97 15.70 8.56 -21.55
N LYS A 98 14.97 7.65 -20.89
CA LYS A 98 13.54 7.84 -20.68
C LYS A 98 13.12 7.51 -19.25
N ASP A 99 14.05 7.10 -18.39
CA ASP A 99 13.77 6.71 -17.01
C ASP A 99 12.77 5.56 -16.90
N ILE A 100 12.82 4.61 -17.83
CA ILE A 100 11.93 3.46 -17.75
C ILE A 100 12.65 2.20 -18.23
N ALA A 101 12.33 1.09 -17.58
CA ALA A 101 12.77 -0.22 -18.02
C ALA A 101 11.57 -1.14 -17.97
N PHE A 102 11.49 -2.07 -18.91
CA PHE A 102 10.36 -3.00 -18.98
C PHE A 102 10.86 -4.42 -18.77
N LEU A 103 10.05 -5.23 -18.10
CA LEU A 103 10.53 -6.57 -17.80
C LEU A 103 9.34 -7.49 -17.68
N PRO A 104 9.56 -8.81 -17.78
CA PRO A 104 8.43 -9.74 -17.72
C PRO A 104 7.86 -9.86 -16.31
N THR A 105 6.59 -10.24 -16.28
CA THR A 105 5.86 -10.48 -15.04
C THR A 105 6.67 -11.34 -14.08
N SER A 106 6.73 -10.92 -12.82
CA SER A 106 7.46 -11.65 -11.80
C SER A 106 6.62 -12.80 -11.24
N VAL A 107 7.31 -13.82 -10.73
CA VAL A 107 6.62 -14.94 -10.10
C VAL A 107 5.79 -14.46 -8.92
N ASP A 108 6.26 -13.44 -8.20
CA ASP A 108 5.60 -12.97 -6.99
C ASP A 108 4.59 -11.85 -7.21
N GLU A 109 4.17 -11.60 -8.45
CA GLU A 109 3.34 -10.43 -8.73
C GLU A 109 2.04 -10.46 -7.93
N LYS A 110 1.68 -9.32 -7.35
CA LYS A 110 0.40 -9.11 -6.68
C LYS A 110 -0.44 -8.13 -7.48
N THR A 111 -1.75 -8.11 -7.20
CA THR A 111 -2.65 -7.16 -7.84
C THR A 111 -3.57 -6.57 -6.79
N VAL A 112 -3.78 -5.26 -6.85
CA VAL A 112 -4.80 -4.57 -6.09
C VAL A 112 -5.76 -3.91 -7.07
N VAL A 113 -7.05 -3.97 -6.76
CA VAL A 113 -8.06 -3.33 -7.59
C VAL A 113 -8.29 -1.91 -7.11
N LEU A 114 -8.14 -0.95 -8.02
CA LEU A 114 -8.25 0.47 -7.72
C LEU A 114 -9.54 1.01 -8.32
N ASN A 115 -10.32 1.71 -7.51
CA ASN A 115 -11.54 2.35 -7.97
C ASN A 115 -11.36 3.86 -7.98
N GLU A 116 -12.42 4.57 -8.36
CA GLU A 116 -12.30 6.02 -8.52
C GLU A 116 -11.79 6.68 -7.24
N GLY A 117 -10.78 7.52 -7.39
CA GLY A 117 -10.19 8.23 -6.28
C GLY A 117 -9.06 7.48 -5.57
N ASP A 118 -8.93 6.18 -5.79
CA ASP A 118 -7.82 5.45 -5.18
C ASP A 118 -6.51 5.85 -5.87
N PHE A 119 -5.42 5.84 -5.11
CA PHE A 119 -4.10 6.10 -5.70
C PHE A 119 -3.08 5.11 -5.13
N VAL A 120 -1.99 4.92 -5.89
CA VAL A 120 -0.84 4.15 -5.45
C VAL A 120 0.42 4.96 -5.74
N VAL A 121 1.38 4.90 -4.83
CA VAL A 121 2.68 5.55 -5.00
C VAL A 121 3.71 4.45 -5.23
N PHE A 122 4.48 4.57 -6.31
CA PHE A 122 5.64 3.71 -6.55
C PHE A 122 6.90 4.55 -6.59
N TYR A 123 7.84 4.28 -5.67
CA TYR A 123 9.13 4.93 -5.67
C TYR A 123 10.03 4.28 -6.71
N PRO A 124 11.11 4.96 -7.12
CA PRO A 124 12.05 4.36 -8.08
C PRO A 124 12.45 2.95 -7.64
N GLY A 125 12.53 2.05 -8.63
CA GLY A 125 12.83 0.66 -8.39
C GLY A 125 11.65 -0.23 -8.08
N GLU A 126 10.52 0.35 -7.69
CA GLU A 126 9.35 -0.47 -7.38
C GLU A 126 8.67 -0.90 -8.67
N VAL A 127 8.58 -2.22 -8.87
CA VAL A 127 8.05 -2.79 -10.11
C VAL A 127 6.54 -2.68 -10.13
N HIS A 128 5.99 -2.19 -11.24
CA HIS A 128 4.54 -2.03 -11.30
C HIS A 128 4.06 -2.26 -12.72
N LYS A 129 2.77 -2.59 -12.83
CA LYS A 129 2.12 -2.87 -14.11
C LYS A 129 0.71 -2.32 -14.05
N PRO A 130 0.49 -1.10 -14.54
CA PRO A 130 -0.84 -0.50 -14.49
C PRO A 130 -1.76 -1.07 -15.56
N LEU A 131 -3.02 -0.65 -15.47
CA LEU A 131 -4.03 -0.85 -16.52
C LEU A 131 -4.32 -2.33 -16.79
N CYS A 132 -4.25 -3.16 -15.76
CA CYS A 132 -4.63 -4.56 -15.90
C CYS A 132 -6.15 -4.69 -15.83
N ALA A 133 -6.70 -5.54 -16.70
CA ALA A 133 -8.14 -5.72 -16.73
C ALA A 133 -8.63 -6.40 -15.46
N VAL A 134 -9.81 -5.96 -15.02
CA VAL A 134 -10.57 -6.59 -13.95
C VAL A 134 -11.84 -7.10 -14.61
N GLY A 135 -11.85 -8.38 -14.95
CA GLY A 135 -12.91 -8.87 -15.82
C GLY A 135 -12.68 -8.38 -17.23
N GLU A 136 -13.76 -7.97 -17.88
CA GLU A 136 -13.67 -7.55 -19.27
C GLU A 136 -12.85 -6.26 -19.37
N PRO A 137 -12.04 -6.09 -20.42
CA PRO A 137 -11.37 -4.81 -20.66
C PRO A 137 -12.36 -3.66 -20.66
N ALA A 138 -11.92 -2.52 -20.14
CA ALA A 138 -12.79 -1.37 -20.02
C ALA A 138 -11.91 -0.14 -19.88
N ARG A 139 -12.50 1.04 -20.12
CA ARG A 139 -11.70 2.26 -20.10
C ARG A 139 -11.43 2.73 -18.68
N VAL A 140 -10.20 3.18 -18.44
CA VAL A 140 -9.83 3.81 -17.20
C VAL A 140 -9.21 5.16 -17.54
N ARG A 141 -9.70 6.22 -16.90
CA ARG A 141 -9.11 7.56 -16.99
C ARG A 141 -8.33 7.82 -15.71
N LYS A 142 -7.08 8.25 -15.85
CA LYS A 142 -6.18 8.35 -14.72
C LYS A 142 -5.35 9.62 -14.80
N ALA A 143 -4.83 10.02 -13.65
CA ALA A 143 -3.72 10.96 -13.57
C ALA A 143 -2.50 10.21 -13.04
N VAL A 144 -1.34 10.48 -13.63
CA VAL A 144 -0.09 9.96 -13.11
C VAL A 144 0.81 11.14 -12.78
N VAL A 145 1.10 11.31 -11.49
CA VAL A 145 2.02 12.35 -11.03
C VAL A 145 3.42 11.77 -11.07
N LYS A 146 4.36 12.55 -11.57
CA LYS A 146 5.77 12.19 -11.57
C LYS A 146 6.50 13.14 -10.65
N MET A 147 7.31 12.61 -9.74
CA MET A 147 8.09 13.50 -8.88
C MET A 147 9.53 13.03 -8.88
N LEU A 148 10.44 13.95 -9.19
CA LEU A 148 11.86 13.63 -9.28
C LEU A 148 12.45 13.40 -7.90
N MET A 149 13.08 12.25 -7.69
CA MET A 149 13.64 11.93 -6.39
C MET A 149 15.06 12.50 -6.33
N ALA A 150 15.47 12.92 -5.13
CA ALA A 150 16.77 13.58 -4.95
C ALA A 150 17.97 12.74 -5.40
N MET B 1 -1.49 3.35 3.51
CA MET B 1 -0.87 2.10 3.95
C MET B 1 0.33 1.82 3.06
N ILE B 2 1.35 1.14 3.59
CA ILE B 2 2.57 0.83 2.87
C ILE B 2 2.65 -0.68 2.69
N ILE B 3 3.12 -1.13 1.54
CA ILE B 3 3.37 -2.55 1.29
C ILE B 3 4.82 -2.72 0.85
N GLY B 4 5.51 -3.69 1.44
CA GLY B 4 6.88 -4.00 1.06
C GLY B 4 7.26 -5.43 1.42
N ASN B 5 8.56 -5.68 1.53
CA ASN B 5 9.06 -7.00 1.90
C ASN B 5 10.27 -6.84 2.81
N ILE B 6 10.29 -7.62 3.89
CA ILE B 6 11.27 -7.39 4.95
C ILE B 6 12.68 -7.73 4.55
N GLU B 7 12.87 -8.38 3.40
CA GLU B 7 14.20 -8.68 2.90
C GLU B 7 14.77 -7.56 2.04
N HIS B 8 13.98 -6.53 1.76
CA HIS B 8 14.35 -5.46 0.83
C HIS B 8 13.85 -4.13 1.36
N LEU B 9 14.54 -3.63 2.39
CA LEU B 9 14.18 -2.38 3.04
C LEU B 9 14.86 -1.25 2.28
N GLU B 10 14.07 -0.49 1.56
CA GLU B 10 14.61 0.50 0.62
C GLU B 10 14.64 1.89 1.25
N VAL B 11 15.38 2.78 0.59
CA VAL B 11 15.56 4.15 1.05
C VAL B 11 14.24 4.88 1.26
N TRP B 12 13.17 4.47 0.57
CA TRP B 12 11.90 5.16 0.69
C TRP B 12 11.09 4.79 1.93
N LEU B 13 11.49 3.77 2.65
CA LEU B 13 10.76 3.41 3.86
C LEU B 13 11.19 4.31 5.01
N PRO B 14 10.26 4.93 5.73
CA PRO B 14 10.63 5.78 6.86
C PRO B 14 11.58 5.07 7.81
N THR B 15 12.61 5.82 8.25
CA THR B 15 13.71 5.25 9.02
C THR B 15 13.22 4.44 10.22
N ALA B 16 12.25 4.96 10.98
CA ALA B 16 11.82 4.26 12.18
C ALA B 16 11.19 2.92 11.84
N LEU B 17 10.45 2.87 10.73
CA LEU B 17 9.89 1.60 10.26
C LEU B 17 10.99 0.63 9.85
N ARG B 18 11.98 1.11 9.11
CA ARG B 18 13.11 0.25 8.76
C ARG B 18 13.78 -0.30 10.01
N GLN B 19 14.02 0.55 11.01
CA GLN B 19 14.75 0.08 12.19
C GLN B 19 13.94 -0.95 12.97
N ALA B 20 12.62 -0.78 13.04
CA ALA B 20 11.79 -1.77 13.72
C ALA B 20 11.82 -3.11 13.00
N ILE B 21 11.75 -3.12 11.66
CA ILE B 21 11.79 -4.39 10.92
C ILE B 21 13.17 -5.02 11.05
N GLU B 22 14.23 -4.19 11.06
CA GLU B 22 15.58 -4.71 11.28
C GLU B 22 15.67 -5.42 12.61
N HIS B 23 15.00 -4.90 13.64
CA HIS B 23 15.01 -5.57 14.94
C HIS B 23 14.33 -6.92 14.83
N VAL B 24 13.13 -6.96 14.23
CA VAL B 24 12.44 -8.22 14.08
C VAL B 24 13.30 -9.23 13.34
N ASN B 25 13.95 -8.79 12.26
CA ASN B 25 14.79 -9.70 11.47
C ASN B 25 15.93 -10.26 12.29
N ALA B 26 16.47 -9.48 13.23
CA ALA B 26 17.65 -9.88 13.98
C ALA B 26 17.33 -10.65 15.26
N HIS B 27 16.06 -10.63 15.70
CA HIS B 27 15.73 -11.22 17.00
C HIS B 27 14.63 -12.27 16.95
N VAL B 28 13.99 -12.48 15.82
CA VAL B 28 12.95 -13.48 15.71
C VAL B 28 13.51 -14.64 14.90
N THR B 29 13.41 -15.84 15.44
CA THR B 29 13.76 -17.04 14.70
C THR B 29 12.47 -17.72 14.24
N THR B 30 12.62 -18.79 13.46
CA THR B 30 11.43 -19.55 13.10
C THR B 30 10.86 -20.30 14.29
N THR B 31 11.55 -20.33 15.43
CA THR B 31 11.11 -21.03 16.62
C THR B 31 10.49 -20.12 17.67
N THR B 32 10.78 -18.81 17.61
CA THR B 32 10.27 -17.86 18.59
C THR B 32 8.79 -18.08 18.89
N ALA B 33 8.48 -18.25 20.17
CA ALA B 33 7.14 -18.61 20.60
C ALA B 33 6.19 -17.42 20.48
N PRO B 34 4.89 -17.69 20.29
CA PRO B 34 3.91 -16.59 20.32
C PRO B 34 4.01 -15.81 21.62
N GLY B 35 3.77 -14.53 21.53
CA GLY B 35 3.78 -13.67 22.70
C GLY B 35 4.13 -12.25 22.32
N LYS B 36 4.31 -11.43 23.36
CA LYS B 36 4.63 -10.01 23.24
C LYS B 36 6.10 -9.78 23.56
N TYR B 37 6.79 -9.06 22.68
CA TYR B 37 8.23 -8.80 22.83
C TYR B 37 8.47 -7.31 22.72
N ASP B 38 8.94 -6.69 23.79
CA ASP B 38 9.14 -5.24 23.78
C ASP B 38 10.49 -4.88 23.17
N ILE B 39 10.48 -3.87 22.32
CA ILE B 39 11.72 -3.26 21.83
C ILE B 39 12.08 -2.03 22.63
N ASP B 40 11.10 -1.14 22.83
CA ASP B 40 11.23 0.04 23.67
C ASP B 40 9.95 0.17 24.49
N GLY B 41 9.78 -0.73 25.45
CA GLY B 41 8.59 -0.73 26.29
C GLY B 41 7.32 -0.70 25.46
N ASP B 42 6.37 0.11 25.91
CA ASP B 42 5.12 0.23 25.19
C ASP B 42 5.16 1.28 24.09
N ARG B 43 6.31 1.94 23.88
CA ARG B 43 6.47 2.78 22.71
C ARG B 43 6.69 1.97 21.44
N LEU B 44 7.26 0.77 21.57
CA LEU B 44 7.62 -0.04 20.41
C LEU B 44 7.74 -1.49 20.82
N PHE B 45 6.88 -2.35 20.29
CA PHE B 45 6.94 -3.76 20.64
C PHE B 45 6.37 -4.56 19.48
N TYR B 46 6.49 -5.88 19.57
CA TYR B 46 5.88 -6.71 18.54
C TYR B 46 5.25 -7.95 19.17
N MET B 47 4.24 -8.46 18.48
CA MET B 47 3.56 -9.70 18.86
C MET B 47 3.84 -10.77 17.81
N ILE B 48 4.24 -11.95 18.28
CA ILE B 48 4.37 -13.14 17.44
C ILE B 48 3.09 -13.95 17.61
N SER B 49 2.52 -14.40 16.50
CA SER B 49 1.28 -15.15 16.57
C SER B 49 1.25 -16.22 15.50
N GLU B 50 0.46 -17.26 15.76
CA GLU B 50 0.20 -18.35 14.80
C GLU B 50 -1.30 -18.53 14.85
N ASN B 51 -2.00 -18.04 13.84
CA ASN B 51 -3.45 -18.15 13.81
C ASN B 51 -3.88 -18.75 12.48
N MET B 52 -5.09 -19.29 12.49
CA MET B 52 -5.72 -19.76 11.27
C MET B 52 -6.36 -18.57 10.58
N THR B 53 -6.28 -18.53 9.25
CA THR B 53 -7.04 -17.54 8.52
C THR B 53 -8.53 -17.90 8.56
N GLU B 54 -9.37 -16.90 8.29
CA GLU B 54 -10.83 -17.05 8.22
C GLU B 54 -11.35 -16.24 7.04
N PRO B 55 -12.44 -16.66 6.41
CA PRO B 55 -13.04 -15.82 5.36
C PRO B 55 -13.36 -14.43 5.90
N GLY B 56 -13.10 -13.42 5.07
CA GLY B 56 -13.24 -12.04 5.54
C GLY B 56 -14.68 -11.59 5.68
N GLU B 57 -15.60 -12.22 4.94
CA GLU B 57 -16.98 -11.76 4.92
C GLU B 57 -17.60 -11.86 6.31
N SER B 58 -18.35 -10.83 6.66
CA SER B 58 -19.11 -10.72 7.90
C SER B 58 -18.23 -10.67 9.14
N ARG B 59 -16.91 -10.59 8.98
CA ARG B 59 -15.99 -10.32 10.09
C ARG B 59 -15.68 -8.84 10.13
N SER B 60 -15.23 -8.37 11.30
CA SER B 60 -15.06 -6.94 11.53
C SER B 60 -13.67 -6.45 11.12
N ALA B 61 -13.60 -5.24 10.57
CA ALA B 61 -12.35 -4.51 10.39
C ALA B 61 -12.04 -3.76 11.67
N GLU B 62 -10.88 -3.09 11.71
CA GLU B 62 -10.48 -2.36 12.90
C GLU B 62 -9.58 -1.19 12.50
N TYR B 63 -9.43 -0.24 13.42
CA TYR B 63 -8.38 0.76 13.31
C TYR B 63 -7.93 1.19 14.70
N HIS B 64 -6.82 1.93 14.71
CA HIS B 64 -6.19 2.37 15.95
C HIS B 64 -6.07 3.88 15.96
N ALA B 65 -5.88 4.42 17.16
CA ALA B 65 -5.77 5.88 17.31
C ALA B 65 -4.35 6.36 17.52
N ARG B 66 -3.48 5.53 18.09
CA ARG B 66 -2.15 5.98 18.48
C ARG B 66 -1.04 5.10 17.92
N TYR B 67 -1.28 3.80 17.82
CA TYR B 67 -0.26 2.86 17.37
C TYR B 67 -0.35 2.69 15.85
N LEU B 68 0.80 2.79 15.19
CA LEU B 68 0.97 2.26 13.86
C LEU B 68 1.24 0.75 13.95
N ASP B 69 0.73 0.00 12.97
CA ASP B 69 0.98 -1.42 12.81
C ASP B 69 1.98 -1.65 11.69
N ILE B 70 2.97 -2.52 11.93
CA ILE B 70 3.68 -3.20 10.84
C ILE B 70 3.29 -4.67 10.91
N GLN B 71 2.55 -5.17 9.92
CA GLN B 71 2.13 -6.56 9.89
C GLN B 71 3.01 -7.35 8.93
N ILE B 72 3.75 -8.31 9.47
CA ILE B 72 4.77 -9.06 8.75
C ILE B 72 4.35 -10.53 8.70
N VAL B 73 4.26 -11.09 7.49
CA VAL B 73 4.05 -12.52 7.34
C VAL B 73 5.39 -13.23 7.51
N LEU B 74 5.50 -14.06 8.55
CA LEU B 74 6.74 -14.82 8.74
C LEU B 74 6.70 -16.15 8.00
N GLN B 75 5.57 -16.86 8.05
CA GLN B 75 5.36 -18.10 7.34
C GLN B 75 3.91 -18.13 6.86
N GLY B 76 3.69 -18.59 5.64
CA GLY B 76 2.33 -18.79 5.16
C GLY B 76 1.87 -17.74 4.17
N GLN B 77 0.54 -17.67 4.01
CA GLN B 77 -0.09 -16.79 3.03
C GLN B 77 -1.34 -16.20 3.64
N GLU B 78 -1.43 -14.86 3.64
CA GLU B 78 -2.48 -14.16 4.36
C GLU B 78 -3.20 -13.19 3.42
N GLY B 79 -4.53 -13.22 3.46
CA GLY B 79 -5.29 -12.16 2.83
C GLY B 79 -5.37 -10.97 3.76
N MET B 80 -4.88 -9.81 3.32
CA MET B 80 -4.94 -8.56 4.10
C MET B 80 -6.02 -7.68 3.49
N ALA B 81 -7.12 -7.50 4.21
CA ALA B 81 -8.18 -6.63 3.72
C ALA B 81 -8.02 -5.26 4.34
N PHE B 82 -8.49 -4.23 3.64
CA PHE B 82 -8.30 -2.87 4.12
C PHE B 82 -9.21 -1.93 3.33
N SER B 83 -9.30 -0.69 3.83
CA SER B 83 -10.04 0.37 3.13
C SER B 83 -9.10 1.54 2.89
N THR B 84 -9.25 2.19 1.74
CA THR B 84 -8.48 3.40 1.49
C THR B 84 -9.18 4.64 1.99
N ARG B 85 -10.37 4.51 2.56
CA ARG B 85 -11.16 5.62 3.03
C ARG B 85 -11.18 5.68 4.55
N PRO B 86 -11.51 6.82 5.14
CA PRO B 86 -11.61 6.88 6.60
C PRO B 86 -12.65 5.91 7.12
N ALA B 87 -12.52 5.61 8.41
CA ALA B 87 -13.41 4.65 9.06
C ALA B 87 -14.84 5.16 9.10
N GLY B 88 -15.78 4.27 8.86
CA GLY B 88 -17.19 4.52 9.10
C GLY B 88 -17.55 4.34 10.56
N THR B 89 -18.82 4.10 10.80
CA THR B 89 -19.31 3.98 12.17
C THR B 89 -18.91 2.64 12.77
N PRO B 90 -18.26 2.62 13.93
CA PRO B 90 -17.91 1.35 14.57
C PRO B 90 -19.10 0.74 15.29
N HIS B 91 -18.99 -0.56 15.53
CA HIS B 91 -19.89 -1.17 16.50
C HIS B 91 -19.33 -1.11 17.91
N THR B 92 -18.02 -0.93 18.05
CA THR B 92 -17.37 -0.83 19.35
C THR B 92 -16.22 0.16 19.25
N ASP B 93 -16.16 1.10 20.19
CA ASP B 93 -15.12 2.11 20.22
C ASP B 93 -14.38 1.96 21.55
N TRP B 94 -13.21 1.32 21.50
CA TRP B 94 -12.30 1.24 22.63
C TRP B 94 -11.00 2.01 22.36
N LEU B 95 -11.10 3.12 21.63
CA LEU B 95 -9.89 3.81 21.18
C LEU B 95 -9.13 4.42 22.34
N ALA B 96 -9.84 5.11 23.23
CA ALA B 96 -9.13 5.84 24.28
C ALA B 96 -8.41 4.89 25.23
N ASP B 97 -9.04 3.77 25.61
CA ASP B 97 -8.45 2.90 26.61
C ASP B 97 -7.63 1.76 26.04
N LYS B 98 -8.01 1.23 24.88
CA LYS B 98 -7.35 0.06 24.32
C LYS B 98 -6.81 0.27 22.91
N ASP B 99 -6.93 1.48 22.37
CA ASP B 99 -6.41 1.88 21.06
C ASP B 99 -7.03 1.10 19.91
N ILE B 100 -8.28 0.70 20.01
CA ILE B 100 -8.90 -0.07 18.93
C ILE B 100 -10.39 0.27 18.83
N ALA B 101 -10.87 0.39 17.60
CA ALA B 101 -12.29 0.42 17.30
C ALA B 101 -12.55 -0.65 16.24
N PHE B 102 -13.74 -1.25 16.32
CA PHE B 102 -14.12 -2.35 15.45
C PHE B 102 -15.31 -1.93 14.61
N LEU B 103 -15.32 -2.29 13.33
CA LEU B 103 -16.43 -1.85 12.50
C LEU B 103 -16.73 -2.88 11.43
N PRO B 104 -17.96 -2.90 10.93
CA PRO B 104 -18.31 -3.84 9.86
C PRO B 104 -17.59 -3.52 8.57
N THR B 105 -17.47 -4.54 7.73
CA THR B 105 -16.83 -4.42 6.42
C THR B 105 -17.34 -3.20 5.68
N SER B 106 -16.41 -2.47 5.04
CA SER B 106 -16.81 -1.33 4.24
C SER B 106 -17.19 -1.78 2.83
N VAL B 107 -18.03 -0.98 2.18
CA VAL B 107 -18.41 -1.26 0.79
C VAL B 107 -17.17 -1.33 -0.09
N ASP B 108 -16.13 -0.57 0.23
CA ASP B 108 -14.97 -0.43 -0.65
C ASP B 108 -13.81 -1.35 -0.28
N GLU B 109 -14.04 -2.37 0.56
CA GLU B 109 -12.93 -3.15 1.08
C GLU B 109 -12.11 -3.81 -0.03
N LYS B 110 -10.79 -3.68 0.07
CA LYS B 110 -9.82 -4.28 -0.83
C LYS B 110 -9.08 -5.39 -0.12
N THR B 111 -8.47 -6.28 -0.90
CA THR B 111 -7.63 -7.33 -0.34
C THR B 111 -6.35 -7.44 -1.14
N VAL B 112 -5.22 -7.58 -0.46
CA VAL B 112 -3.94 -7.91 -1.09
C VAL B 112 -3.47 -9.22 -0.46
N VAL B 113 -2.91 -10.10 -1.27
CA VAL B 113 -2.38 -11.37 -0.77
C VAL B 113 -0.92 -11.18 -0.37
N LEU B 114 -0.61 -11.57 0.87
CA LEU B 114 0.73 -11.43 1.43
C LEU B 114 1.34 -12.81 1.65
N ASN B 115 2.58 -12.97 1.22
CA ASN B 115 3.32 -14.22 1.34
C ASN B 115 4.52 -13.97 2.25
N GLU B 116 5.30 -15.03 2.46
CA GLU B 116 6.46 -14.99 3.36
C GLU B 116 7.32 -13.76 3.11
N GLY B 117 7.54 -12.97 4.16
CA GLY B 117 8.39 -11.80 4.08
C GLY B 117 7.69 -10.52 3.71
N ASP B 118 6.49 -10.59 3.15
CA ASP B 118 5.76 -9.37 2.84
C ASP B 118 5.30 -8.67 4.12
N PHE B 119 5.21 -7.34 4.06
CA PHE B 119 4.69 -6.59 5.19
C PHE B 119 3.78 -5.47 4.70
N VAL B 120 2.89 -5.06 5.58
CA VAL B 120 2.05 -3.88 5.35
C VAL B 120 2.15 -3.00 6.57
N VAL B 121 2.01 -1.70 6.35
CA VAL B 121 2.04 -0.71 7.41
C VAL B 121 0.70 0.00 7.43
N PHE B 122 0.07 0.08 8.59
CA PHE B 122 -1.17 0.85 8.76
C PHE B 122 -0.93 1.94 9.80
N TYR B 123 -1.02 3.20 9.37
CA TYR B 123 -0.97 4.31 10.32
C TYR B 123 -2.29 4.40 11.08
N PRO B 124 -2.31 5.09 12.22
CA PRO B 124 -3.58 5.28 12.94
C PRO B 124 -4.67 5.81 12.02
N GLY B 125 -5.89 5.29 12.21
CA GLY B 125 -7.02 5.62 11.38
C GLY B 125 -7.19 4.77 10.15
N GLU B 126 -6.15 4.08 9.70
CA GLU B 126 -6.27 3.22 8.53
C GLU B 126 -6.99 1.93 8.88
N VAL B 127 -8.05 1.64 8.14
CA VAL B 127 -8.94 0.52 8.42
C VAL B 127 -8.35 -0.74 7.82
N HIS B 128 -8.30 -1.81 8.62
CA HIS B 128 -7.67 -3.05 8.15
C HIS B 128 -8.32 -4.26 8.79
N LYS B 129 -8.19 -5.40 8.11
CA LYS B 129 -8.78 -6.65 8.54
C LYS B 129 -7.79 -7.75 8.19
N PRO B 130 -6.94 -8.13 9.12
CA PRO B 130 -5.94 -9.17 8.85
C PRO B 130 -6.54 -10.56 8.84
N LEU B 131 -5.69 -11.51 8.43
CA LEU B 131 -5.94 -12.95 8.60
C LEU B 131 -7.13 -13.44 7.76
N CYS B 132 -7.37 -12.84 6.59
CA CYS B 132 -8.42 -13.34 5.71
C CYS B 132 -7.92 -14.56 4.95
N ALA B 133 -8.81 -15.55 4.78
CA ALA B 133 -8.41 -16.76 4.08
C ALA B 133 -8.20 -16.49 2.60
N VAL B 134 -7.23 -17.21 2.05
CA VAL B 134 -6.96 -17.23 0.62
C VAL B 134 -7.17 -18.68 0.19
N GLY B 135 -8.33 -18.95 -0.38
CA GLY B 135 -8.71 -20.34 -0.58
C GLY B 135 -9.07 -20.95 0.76
N GLU B 136 -8.56 -22.16 1.00
CA GLU B 136 -8.85 -22.84 2.26
C GLU B 136 -8.20 -22.10 3.42
N PRO B 137 -8.86 -22.04 4.57
CA PRO B 137 -8.20 -21.53 5.79
C PRO B 137 -6.92 -22.30 6.08
N ALA B 138 -5.88 -21.56 6.44
CA ALA B 138 -4.56 -22.12 6.68
C ALA B 138 -3.87 -21.29 7.76
N ARG B 139 -2.83 -21.87 8.36
CA ARG B 139 -2.12 -21.20 9.44
C ARG B 139 -1.13 -20.18 8.89
N VAL B 140 -1.08 -19.03 9.55
CA VAL B 140 -0.13 -17.98 9.19
C VAL B 140 0.62 -17.58 10.46
N ARG B 141 1.95 -17.59 10.39
CA ARG B 141 2.79 -17.10 11.47
C ARG B 141 3.18 -15.67 11.15
N LYS B 142 2.95 -14.76 12.11
CA LYS B 142 3.10 -13.32 11.88
C LYS B 142 3.88 -12.64 13.00
N ALA B 143 4.48 -11.50 12.66
CA ALA B 143 4.92 -10.51 13.63
C ALA B 143 4.12 -9.24 13.37
N VAL B 144 3.57 -8.66 14.42
CA VAL B 144 2.85 -7.38 14.32
C VAL B 144 3.57 -6.40 15.22
N VAL B 145 4.21 -5.40 14.61
CA VAL B 145 4.92 -4.36 15.35
C VAL B 145 3.90 -3.28 15.69
N LYS B 146 3.93 -2.79 16.92
CA LYS B 146 3.11 -1.67 17.36
C LYS B 146 4.07 -0.53 17.67
N MET B 147 3.86 0.62 17.05
CA MET B 147 4.78 1.73 17.23
C MET B 147 3.98 2.98 17.57
N LEU B 148 4.30 3.57 18.73
CA LEU B 148 3.59 4.77 19.17
C LEU B 148 3.95 5.94 18.28
N MET B 149 2.94 6.61 17.74
CA MET B 149 3.16 7.72 16.82
C MET B 149 3.05 9.06 17.51
N ALA B 150 3.71 10.05 16.91
CA ALA B 150 3.62 11.42 17.39
C ALA B 150 2.23 11.99 17.15
N LEU B 151 1.92 13.08 17.87
CA LEU B 151 0.61 13.72 17.82
C LEU B 151 0.10 13.92 16.40
N GLU B 152 0.97 14.36 15.48
CA GLU B 152 0.52 14.71 14.14
C GLU B 152 -0.09 13.53 13.39
N HIS B 153 0.26 12.30 13.78
CA HIS B 153 -0.21 11.08 13.13
C HIS B 153 -1.38 10.43 13.85
N HIS B 154 -1.87 11.02 14.94
CA HIS B 154 -2.96 10.38 15.66
C HIS B 154 -4.23 10.39 14.80
N HIS B 155 -5.13 9.45 15.10
CA HIS B 155 -6.39 9.39 14.38
C HIS B 155 -7.20 10.65 14.65
N HIS B 156 -7.98 11.08 13.64
CA HIS B 156 -8.89 12.21 13.79
C HIS B 156 -10.28 11.78 13.32
N HIS B 157 -11.31 12.21 14.04
CA HIS B 157 -12.67 11.79 13.69
C HIS B 157 -13.19 12.51 12.45
N HIS B 158 -12.76 13.75 12.21
CA HIS B 158 -13.23 14.52 11.07
C HIS B 158 -12.17 15.55 10.67
#